data_6JDO
#
_entry.id   6JDO
#
_cell.length_a   126.433
_cell.length_b   126.433
_cell.length_c   82.912
_cell.angle_alpha   90.000
_cell.angle_beta   90.000
_cell.angle_gamma   120.000
#
_symmetry.space_group_name_H-M   'P 32 2 1'
#
loop_
_entity.id
_entity.type
_entity.pdbx_description
1 polymer 'N-acetylmannosamine kinase'
2 non-polymer 'PHOSPHOAMINOPHOSPHONIC ACID-ADENYLATE ESTER'
3 non-polymer 'CALCIUM ION'
4 water water
#
_entity_poly.entity_id   1
_entity_poly.type   'polypeptide(L)'
_entity_poly.pdbx_seq_one_letter_code
;MRCLALDIGGTKIASAIVTDGKIEQRQQIATPQADAANAMHDTLANILALYAGQFDYVAVASTGIINHGVLTALNPKNLG
GLAEFPLKESIARHTDKPIGLLNDVQAAACAEYKDEDKNAVQNFVFITVSTGVGGGIILERRLLTEPNGVAGHIGHTLAD
PNGPVCGCGRVGCVEAVAAGRAIEAVSSQWNPPCTPKQAFELFRKNDEKATALIQRSASAIANLIADLVIGLDVQKVVVG
GSVGLAEGYLPLVKQYLNTMPHFYHCTVEQARHGQDAGLLGAAWWVADCLKQG
;
_entity_poly.pdbx_strand_id   A,B
#
loop_
_chem_comp.id
_chem_comp.type
_chem_comp.name
_chem_comp.formula
ANP non-polymer 'PHOSPHOAMINOPHOSPHONIC ACID-ADENYLATE ESTER' 'C10 H17 N6 O12 P3'
CA non-polymer 'CALCIUM ION' 'Ca 2'
#
# COMPACT_ATOMS: atom_id res chain seq x y z
N MET A 1 3.39 -28.88 -17.07
CA MET A 1 4.22 -28.65 -15.89
C MET A 1 3.58 -29.23 -14.64
N ARG A 2 4.39 -29.94 -13.86
CA ARG A 2 3.93 -30.66 -12.67
C ARG A 2 4.50 -30.00 -11.44
N CYS A 3 3.64 -29.63 -10.50
CA CYS A 3 4.07 -28.95 -9.28
C CYS A 3 3.87 -29.87 -8.08
N LEU A 4 4.92 -30.04 -7.29
CA LEU A 4 4.76 -30.59 -5.95
C LEU A 4 4.42 -29.41 -5.04
N ALA A 5 3.18 -29.37 -4.58
CA ALA A 5 2.68 -28.26 -3.78
C ALA A 5 2.56 -28.71 -2.34
N LEU A 6 3.15 -27.95 -1.42
CA LEU A 6 3.04 -28.19 0.01
C LEU A 6 2.30 -27.03 0.65
N ASP A 7 1.39 -27.34 1.56
CA ASP A 7 0.72 -26.34 2.37
C ASP A 7 0.99 -26.68 3.84
N ILE A 8 1.88 -25.92 4.47
CA ILE A 8 2.32 -26.18 5.84
C ILE A 8 1.51 -25.27 6.77
N GLY A 9 0.56 -25.86 7.49
CA GLY A 9 -0.28 -25.14 8.42
C GLY A 9 0.14 -25.33 9.88
N GLY A 10 -0.63 -24.70 10.76
CA GLY A 10 -0.38 -24.84 12.19
C GLY A 10 -0.52 -26.27 12.68
N THR A 11 -1.40 -27.06 12.05
CA THR A 11 -1.66 -28.41 12.54
C THR A 11 -1.47 -29.49 11.48
N LYS A 12 -1.77 -29.18 10.21
CA LYS A 12 -1.64 -30.16 9.15
C LYS A 12 -0.71 -29.67 8.04
N ILE A 13 -0.03 -30.62 7.41
CA ILE A 13 0.75 -30.38 6.20
C ILE A 13 0.06 -31.15 5.08
N ALA A 14 -0.46 -30.43 4.10
CA ALA A 14 -1.05 -31.03 2.91
C ALA A 14 -0.03 -31.01 1.77
N SER A 15 0.01 -32.09 1.00
CA SER A 15 0.87 -32.16 -0.17
C SER A 15 0.09 -32.73 -1.35
N ALA A 16 0.53 -32.42 -2.56
CA ALA A 16 -0.17 -32.89 -3.74
C ALA A 16 0.64 -32.53 -4.96
N ILE A 17 0.38 -33.25 -6.04
CA ILE A 17 0.89 -32.84 -7.35
C ILE A 17 -0.20 -32.03 -8.03
N VAL A 18 0.16 -30.82 -8.47
CA VAL A 18 -0.76 -29.95 -9.18
C VAL A 18 -0.26 -29.86 -10.62
N THR A 19 -1.13 -30.21 -11.55
CA THR A 19 -0.83 -30.16 -12.98
C THR A 19 -1.98 -29.46 -13.68
N ASP A 20 -1.70 -28.31 -14.28
CA ASP A 20 -2.74 -27.50 -14.91
C ASP A 20 -3.90 -27.28 -13.94
N GLY A 21 -3.57 -26.75 -12.77
CA GLY A 21 -4.55 -26.39 -11.77
C GLY A 21 -5.40 -27.53 -11.23
N LYS A 22 -5.05 -28.76 -11.60
CA LYS A 22 -5.76 -29.93 -11.12
C LYS A 22 -4.93 -30.65 -10.07
N ILE A 23 -5.60 -31.12 -9.02
CA ILE A 23 -4.92 -31.73 -7.89
C ILE A 23 -5.02 -33.25 -7.98
N GLU A 24 -3.92 -33.92 -7.71
CA GLU A 24 -3.88 -35.38 -7.64
C GLU A 24 -2.86 -35.78 -6.57
N GLN A 25 -3.02 -37.00 -6.07
CA GLN A 25 -2.03 -37.60 -5.18
C GLN A 25 -1.93 -36.85 -3.85
N ARG A 26 -3.08 -36.57 -3.24
CA ARG A 26 -3.10 -35.89 -1.96
C ARG A 26 -2.50 -36.74 -0.86
N GLN A 27 -1.73 -36.11 0.00
CA GLN A 27 -1.39 -36.65 1.30
C GLN A 27 -1.58 -35.54 2.32
N GLN A 28 -1.95 -35.94 3.54
CA GLN A 28 -2.11 -34.98 4.63
C GLN A 28 -1.57 -35.61 5.90
N ILE A 29 -0.61 -34.95 6.54
CA ILE A 29 -0.02 -35.44 7.78
C ILE A 29 -0.06 -34.32 8.81
N ALA A 30 0.28 -34.67 10.04
CA ALA A 30 0.29 -33.70 11.13
C ALA A 30 1.55 -32.84 11.06
N THR A 31 1.40 -31.56 11.40
CA THR A 31 2.56 -30.69 11.46
C THR A 31 3.39 -31.09 12.68
N PRO A 32 4.69 -31.36 12.50
CA PRO A 32 5.51 -31.79 13.64
C PRO A 32 5.34 -30.89 14.87
N GLN A 33 5.17 -31.51 16.03
CA GLN A 33 5.08 -30.77 17.29
C GLN A 33 6.11 -31.20 18.32
N ALA A 34 6.33 -32.50 18.49
CA ALA A 34 7.44 -32.96 19.31
C ALA A 34 8.76 -32.70 18.60
N ASP A 35 9.71 -32.09 19.29
CA ASP A 35 11.03 -31.84 18.72
C ASP A 35 10.91 -31.26 17.31
N ALA A 36 10.07 -30.21 17.20
CA ALA A 36 9.54 -29.79 15.92
C ALA A 36 10.64 -29.57 14.88
N ALA A 37 11.70 -28.85 15.25
CA ALA A 37 12.74 -28.51 14.27
C ALA A 37 13.40 -29.77 13.71
N ASN A 38 13.92 -30.62 14.60
CA ASN A 38 14.50 -31.89 14.15
C ASN A 38 13.48 -32.68 13.33
N ALA A 39 12.25 -32.76 13.82
CA ALA A 39 11.23 -33.59 13.16
C ALA A 39 10.88 -33.05 11.79
N MET A 40 10.79 -31.72 11.65
CA MET A 40 10.42 -31.15 10.37
C MET A 40 11.41 -31.52 9.28
N HIS A 41 12.72 -31.54 9.59
CA HIS A 41 13.70 -31.98 8.61
C HIS A 41 13.40 -33.40 8.13
N ASP A 42 13.03 -34.29 9.06
CA ASP A 42 12.61 -35.64 8.68
C ASP A 42 11.37 -35.61 7.81
N THR A 43 10.31 -34.91 8.26
CA THR A 43 9.07 -34.84 7.49
C THR A 43 9.33 -34.40 6.05
N LEU A 44 10.14 -33.35 5.88
CA LEU A 44 10.39 -32.83 4.53
C LEU A 44 11.19 -33.84 3.72
N ALA A 45 12.19 -34.47 4.31
CA ALA A 45 12.85 -35.59 3.64
C ALA A 45 11.83 -36.63 3.20
N ASN A 46 10.94 -37.05 4.11
CA ASN A 46 9.97 -38.09 3.76
C ASN A 46 9.06 -37.67 2.63
N ILE A 47 8.57 -36.42 2.66
CA ILE A 47 7.63 -35.99 1.62
C ILE A 47 8.32 -35.96 0.26
N LEU A 48 9.53 -35.38 0.21
CA LEU A 48 10.23 -35.29 -1.07
C LEU A 48 10.56 -36.68 -1.62
N ALA A 49 10.83 -37.64 -0.75
CA ALA A 49 11.03 -39.02 -1.19
C ALA A 49 9.74 -39.59 -1.79
N LEU A 50 8.63 -39.48 -1.06
CA LEU A 50 7.37 -40.04 -1.53
C LEU A 50 7.03 -39.57 -2.94
N TYR A 51 7.31 -38.31 -3.26
CA TYR A 51 6.94 -37.74 -4.55
C TYR A 51 8.09 -37.72 -5.56
N ALA A 52 9.25 -38.26 -5.21
CA ALA A 52 10.43 -38.16 -6.07
C ALA A 52 10.11 -38.52 -7.52
N GLY A 53 10.66 -37.74 -8.44
CA GLY A 53 10.46 -37.94 -9.86
C GLY A 53 9.15 -37.43 -10.42
N GLN A 54 8.21 -36.98 -9.59
CA GLN A 54 6.87 -36.65 -10.03
C GLN A 54 6.63 -35.16 -10.21
N PHE A 55 7.67 -34.33 -10.11
CA PHE A 55 7.45 -32.89 -10.14
C PHE A 55 8.58 -32.19 -10.87
N ASP A 56 8.23 -31.14 -11.60
CA ASP A 56 9.20 -30.25 -12.21
C ASP A 56 9.60 -29.10 -11.30
N TYR A 57 8.79 -28.78 -10.28
CA TYR A 57 9.11 -27.69 -9.37
C TYR A 57 8.30 -27.84 -8.10
N VAL A 58 8.73 -27.13 -7.05
CA VAL A 58 8.15 -27.21 -5.72
C VAL A 58 7.55 -25.86 -5.37
N ALA A 59 6.35 -25.86 -4.81
CA ALA A 59 5.70 -24.64 -4.35
C ALA A 59 5.20 -24.84 -2.93
N VAL A 60 5.62 -23.98 -2.01
CA VAL A 60 5.37 -24.15 -0.57
C VAL A 60 4.57 -22.94 -0.06
N ALA A 61 3.39 -23.19 0.46
CA ALA A 61 2.65 -22.22 1.25
C ALA A 61 2.83 -22.57 2.71
N SER A 62 3.06 -21.56 3.54
CA SER A 62 3.25 -21.78 4.96
C SER A 62 2.63 -20.65 5.76
N THR A 63 2.13 -20.96 6.96
CA THR A 63 1.72 -19.87 7.84
C THR A 63 2.93 -19.10 8.32
N GLY A 64 2.71 -17.85 8.67
CA GLY A 64 3.81 -17.01 9.10
C GLY A 64 4.38 -16.22 7.94
N ILE A 65 5.64 -15.83 8.05
CA ILE A 65 6.30 -14.97 7.07
C ILE A 65 7.49 -15.74 6.50
N ILE A 66 7.65 -15.71 5.18
CA ILE A 66 8.81 -16.27 4.52
C ILE A 66 9.81 -15.15 4.28
N ASN A 67 10.95 -15.20 4.96
CA ASN A 67 12.02 -14.21 4.79
C ASN A 67 13.22 -14.92 4.18
N HIS A 68 13.43 -14.71 2.88
CA HIS A 68 14.55 -15.32 2.16
C HIS A 68 14.64 -16.83 2.43
N GLY A 69 13.52 -17.51 2.28
CA GLY A 69 13.45 -18.95 2.42
C GLY A 69 13.37 -19.49 3.83
N VAL A 70 13.27 -18.60 4.84
CA VAL A 70 13.26 -18.97 6.25
C VAL A 70 11.89 -18.65 6.84
N LEU A 71 11.40 -19.53 7.71
CA LEU A 71 10.11 -19.33 8.37
C LEU A 71 10.28 -18.43 9.58
N THR A 72 9.58 -17.29 9.61
CA THR A 72 9.60 -16.40 10.76
C THR A 72 8.20 -15.89 11.00
N ALA A 73 8.07 -14.93 11.91
CA ALA A 73 6.78 -14.38 12.28
C ALA A 73 7.02 -13.07 13.02
N LEU A 74 6.02 -12.20 12.98
CA LEU A 74 6.15 -10.93 13.70
C LEU A 74 6.48 -11.19 15.17
N ASN A 75 5.79 -12.15 15.78
CA ASN A 75 6.18 -12.70 17.08
C ASN A 75 6.42 -14.20 16.89
N PRO A 76 7.67 -14.69 16.98
CA PRO A 76 7.95 -16.10 16.64
C PRO A 76 7.39 -17.09 17.65
N LYS A 77 6.63 -16.59 18.64
CA LYS A 77 5.98 -17.49 19.58
C LYS A 77 5.09 -18.49 18.85
N ASN A 78 4.19 -17.98 18.01
CA ASN A 78 3.17 -18.80 17.38
C ASN A 78 3.71 -19.76 16.34
N LEU A 79 5.03 -19.83 16.17
CA LEU A 79 5.65 -20.84 15.33
C LEU A 79 6.26 -21.97 16.13
N GLY A 80 6.37 -21.82 17.45
CA GLY A 80 6.98 -22.85 18.27
C GLY A 80 8.41 -23.11 17.85
N GLY A 81 8.78 -24.39 17.81
CA GLY A 81 10.10 -24.79 17.42
C GLY A 81 10.40 -24.69 15.96
N LEU A 82 9.44 -24.26 15.15
CA LEU A 82 9.70 -23.94 13.75
C LEU A 82 10.09 -22.49 13.55
N ALA A 83 10.20 -21.69 14.61
CA ALA A 83 10.69 -20.32 14.46
C ALA A 83 12.07 -20.34 13.81
N GLU A 84 12.23 -19.52 12.78
CA GLU A 84 13.51 -19.40 12.06
C GLU A 84 13.89 -20.70 11.35
N PHE A 85 12.91 -21.52 11.00
CA PHE A 85 13.21 -22.80 10.37
C PHE A 85 13.65 -22.58 8.93
N PRO A 86 14.80 -23.14 8.51
CA PRO A 86 15.32 -22.99 7.12
C PRO A 86 14.62 -23.86 6.08
N LEU A 87 13.43 -23.40 5.68
CA LEU A 87 12.51 -24.22 4.89
C LEU A 87 13.04 -24.49 3.49
N LYS A 88 13.48 -23.44 2.80
CA LYS A 88 13.93 -23.63 1.42
C LYS A 88 15.20 -24.49 1.39
N GLU A 89 16.16 -24.19 2.26
CA GLU A 89 17.40 -24.96 2.28
C GLU A 89 17.13 -26.42 2.61
N SER A 90 16.22 -26.67 3.55
CA SER A 90 15.91 -28.05 3.93
C SER A 90 15.32 -28.83 2.76
N ILE A 91 14.41 -28.21 2.00
CA ILE A 91 13.86 -28.89 0.84
C ILE A 91 14.93 -29.08 -0.24
N ALA A 92 15.80 -28.07 -0.41
CA ALA A 92 16.81 -28.12 -1.46
C ALA A 92 17.81 -29.26 -1.23
N ARG A 93 17.96 -29.74 0.00
CA ARG A 93 18.82 -30.91 0.25
C ARG A 93 18.35 -32.14 -0.51
N HIS A 94 17.08 -32.19 -0.88
CA HIS A 94 16.49 -33.39 -1.47
C HIS A 94 16.07 -33.21 -2.92
N THR A 95 16.24 -32.03 -3.50
CA THR A 95 15.87 -31.82 -4.90
C THR A 95 16.69 -30.66 -5.45
N ASP A 96 16.89 -30.69 -6.76
CA ASP A 96 17.53 -29.57 -7.45
C ASP A 96 16.56 -28.83 -8.36
N LYS A 97 15.28 -29.19 -8.35
CA LYS A 97 14.28 -28.42 -9.08
C LYS A 97 14.11 -27.06 -8.39
N PRO A 98 13.49 -26.10 -9.07
CA PRO A 98 13.25 -24.80 -8.44
C PRO A 98 12.20 -24.90 -7.34
N ILE A 99 12.39 -24.11 -6.29
CA ILE A 99 11.50 -24.10 -5.13
C ILE A 99 11.06 -22.65 -4.89
N GLY A 100 9.75 -22.42 -4.86
CA GLY A 100 9.18 -21.13 -4.49
C GLY A 100 8.40 -21.24 -3.20
N LEU A 101 8.46 -20.19 -2.38
CA LEU A 101 7.83 -20.17 -1.06
C LEU A 101 7.06 -18.86 -0.89
N LEU A 102 5.90 -18.95 -0.23
CA LEU A 102 5.09 -17.78 0.07
C LEU A 102 4.22 -18.13 1.26
N ASN A 103 3.64 -17.12 1.90
CA ASN A 103 2.84 -17.43 3.08
C ASN A 103 1.41 -17.79 2.69
N ASP A 104 0.66 -18.31 3.67
CA ASP A 104 -0.61 -18.97 3.37
C ASP A 104 -1.67 -17.98 2.87
N VAL A 105 -1.67 -16.75 3.40
CA VAL A 105 -2.64 -15.77 2.94
C VAL A 105 -2.26 -15.28 1.55
N GLN A 106 -0.96 -15.08 1.30
CA GLN A 106 -0.51 -14.78 -0.06
C GLN A 106 -0.94 -15.85 -1.03
N ALA A 107 -0.78 -17.12 -0.66
CA ALA A 107 -1.22 -18.20 -1.54
C ALA A 107 -2.73 -18.13 -1.78
N ALA A 108 -3.51 -17.85 -0.72
CA ALA A 108 -4.95 -17.76 -0.93
C ALA A 108 -5.31 -16.58 -1.84
N ALA A 109 -4.54 -15.48 -1.75
CA ALA A 109 -4.76 -14.37 -2.67
C ALA A 109 -4.55 -14.81 -4.11
N CYS A 110 -3.49 -15.56 -4.37
CA CYS A 110 -3.24 -16.02 -5.73
C CYS A 110 -4.31 -16.99 -6.19
N ALA A 111 -4.82 -17.84 -5.29
CA ALA A 111 -5.90 -18.73 -5.67
C ALA A 111 -7.13 -17.95 -6.14
N GLU A 112 -7.42 -16.83 -5.49
CA GLU A 112 -8.56 -16.02 -5.90
C GLU A 112 -8.25 -15.13 -7.09
N TYR A 113 -6.97 -14.83 -7.34
CA TYR A 113 -6.62 -13.97 -8.45
C TYR A 113 -6.47 -14.75 -9.76
N LYS A 114 -6.09 -16.02 -9.69
CA LYS A 114 -5.67 -16.74 -10.90
C LYS A 114 -6.78 -16.79 -11.95
N ASP A 115 -8.06 -16.80 -11.56
CA ASP A 115 -9.15 -16.80 -12.53
C ASP A 115 -9.75 -15.43 -12.78
N GLU A 116 -9.14 -14.35 -12.28
CA GLU A 116 -9.60 -13.03 -12.69
C GLU A 116 -9.19 -12.75 -14.13
N ASP A 117 -9.88 -11.80 -14.74
CA ASP A 117 -9.49 -11.22 -16.03
C ASP A 117 -8.31 -10.29 -15.78
N LYS A 118 -7.09 -10.76 -16.08
CA LYS A 118 -5.87 -10.03 -15.76
C LYS A 118 -5.75 -8.73 -16.55
N ASN A 119 -6.40 -8.64 -17.71
CA ASN A 119 -6.42 -7.36 -18.41
C ASN A 119 -7.13 -6.31 -17.58
N ALA A 120 -8.30 -6.66 -17.04
CA ALA A 120 -9.16 -5.71 -16.35
C ALA A 120 -8.86 -5.56 -14.86
N VAL A 121 -8.14 -6.50 -14.26
CA VAL A 121 -7.82 -6.48 -12.83
C VAL A 121 -6.33 -6.74 -12.70
N GLN A 122 -5.55 -5.68 -12.49
CA GLN A 122 -4.14 -5.84 -12.18
C GLN A 122 -3.77 -5.55 -10.73
N ASN A 123 -4.54 -4.71 -10.02
CA ASN A 123 -4.27 -4.41 -8.60
C ASN A 123 -5.39 -5.00 -7.76
N PHE A 124 -5.04 -5.98 -6.91
CA PHE A 124 -5.99 -6.93 -6.35
C PHE A 124 -5.54 -7.25 -4.94
N VAL A 125 -6.47 -7.23 -3.98
CA VAL A 125 -6.13 -7.55 -2.59
C VAL A 125 -7.08 -8.60 -2.06
N PHE A 126 -6.51 -9.60 -1.39
CA PHE A 126 -7.27 -10.59 -0.66
C PHE A 126 -7.15 -10.30 0.84
N ILE A 127 -8.29 -10.26 1.52
CA ILE A 127 -8.34 -10.03 2.96
C ILE A 127 -9.04 -11.23 3.58
N THR A 128 -8.40 -11.87 4.54
CA THR A 128 -9.05 -12.90 5.33
C THR A 128 -9.37 -12.32 6.69
N VAL A 129 -10.64 -12.37 7.07
CA VAL A 129 -11.07 -11.95 8.40
C VAL A 129 -11.52 -13.22 9.11
N SER A 130 -10.67 -13.72 10.01
CA SER A 130 -10.99 -14.95 10.73
C SER A 130 -10.65 -14.75 12.19
N THR A 131 -9.81 -15.65 12.75
CA THR A 131 -9.32 -15.42 14.11
C THR A 131 -8.52 -14.12 14.17
N GLY A 132 -7.66 -13.90 13.19
CA GLY A 132 -7.00 -12.63 12.98
C GLY A 132 -7.38 -12.04 11.64
N VAL A 133 -6.66 -11.01 11.20
CA VAL A 133 -6.87 -10.40 9.89
C VAL A 133 -5.56 -10.52 9.12
N GLY A 134 -5.61 -11.12 7.94
CA GLY A 134 -4.43 -11.23 7.09
C GLY A 134 -4.70 -10.72 5.70
N GLY A 135 -3.63 -10.42 4.95
CA GLY A 135 -3.78 -9.99 3.58
C GLY A 135 -2.71 -10.52 2.65
N GLY A 136 -3.04 -10.47 1.36
CA GLY A 136 -2.11 -10.69 0.27
C GLY A 136 -2.35 -9.60 -0.79
N ILE A 137 -1.29 -8.95 -1.28
CA ILE A 137 -1.46 -7.83 -2.19
C ILE A 137 -0.81 -8.16 -3.53
N ILE A 138 -1.55 -7.91 -4.60
CA ILE A 138 -1.08 -8.12 -5.97
C ILE A 138 -1.20 -6.79 -6.70
N LEU A 139 -0.08 -6.26 -7.19
CA LEU A 139 -0.04 -5.01 -7.95
C LEU A 139 0.60 -5.26 -9.32
N GLU A 140 0.03 -4.67 -10.37
CA GLU A 140 0.46 -4.94 -11.74
C GLU A 140 0.62 -6.43 -11.98
N ARG A 141 -0.37 -7.20 -11.51
CA ARG A 141 -0.47 -8.63 -11.75
C ARG A 141 0.57 -9.46 -11.00
N ARG A 142 1.38 -8.86 -10.14
CA ARG A 142 2.40 -9.59 -9.40
C ARG A 142 2.21 -9.46 -7.89
N LEU A 143 2.30 -10.59 -7.20
CA LEU A 143 2.19 -10.61 -5.75
C LEU A 143 3.37 -9.87 -5.13
N LEU A 144 3.11 -9.05 -4.11
CA LEU A 144 4.18 -8.39 -3.37
C LEU A 144 4.77 -9.33 -2.33
N THR A 145 6.09 -9.54 -2.37
CA THR A 145 6.79 -10.43 -1.43
C THR A 145 8.15 -9.93 -1.00
N GLU A 146 8.68 -8.80 -1.60
CA GLU A 146 10.05 -8.35 -1.39
C GLU A 146 10.09 -7.13 -0.48
N PRO A 147 11.18 -6.94 0.27
CA PRO A 147 12.29 -7.91 0.26
C PRO A 147 12.12 -9.05 1.27
N ASN A 148 11.32 -8.85 2.33
CA ASN A 148 11.36 -9.75 3.49
C ASN A 148 10.05 -10.48 3.75
N GLY A 149 9.13 -10.52 2.78
CA GLY A 149 7.92 -11.31 2.91
C GLY A 149 6.83 -10.69 3.76
N VAL A 150 6.99 -9.44 4.18
CA VAL A 150 6.04 -8.83 5.10
C VAL A 150 4.84 -8.23 4.36
N ALA A 151 5.03 -7.78 3.11
CA ALA A 151 3.97 -7.10 2.39
C ALA A 151 2.66 -7.88 2.45
N GLY A 152 1.58 -7.17 2.75
CA GLY A 152 0.28 -7.76 2.93
C GLY A 152 -0.18 -7.86 4.37
N HIS A 153 0.64 -7.46 5.34
CA HIS A 153 0.20 -7.51 6.74
C HIS A 153 -0.69 -6.31 7.11
N ILE A 154 -1.81 -6.21 6.39
CA ILE A 154 -2.70 -5.08 6.55
C ILE A 154 -3.57 -5.16 7.78
N GLY A 155 -3.67 -6.32 8.43
CA GLY A 155 -4.30 -6.35 9.75
C GLY A 155 -3.57 -5.50 10.77
N HIS A 156 -2.32 -5.17 10.51
CA HIS A 156 -1.52 -4.37 11.42
C HIS A 156 -1.45 -2.91 11.03
N THR A 157 -2.27 -2.48 10.07
CA THR A 157 -2.40 -1.05 9.80
C THR A 157 -3.41 -0.43 10.78
N LEU A 158 -3.41 0.90 10.87
CA LEU A 158 -4.18 1.60 11.90
C LEU A 158 -5.66 1.64 11.56
N ALA A 159 -6.50 1.23 12.54
CA ALA A 159 -7.94 1.40 12.46
C ALA A 159 -8.45 2.54 13.34
N ASP A 160 -7.81 2.81 14.47
CA ASP A 160 -8.26 3.81 15.44
C ASP A 160 -7.15 4.05 16.45
N PRO A 161 -6.58 5.27 16.52
CA PRO A 161 -5.50 5.51 17.50
C PRO A 161 -5.97 5.45 18.96
N ASN A 162 -7.26 5.35 19.23
CA ASN A 162 -7.78 5.16 20.57
C ASN A 162 -8.39 3.77 20.74
N GLY A 163 -8.10 2.85 19.82
CA GLY A 163 -8.64 1.52 19.91
C GLY A 163 -7.73 0.59 20.71
N PRO A 164 -8.13 -0.67 20.82
CA PRO A 164 -7.38 -1.62 21.64
C PRO A 164 -5.98 -1.88 21.10
N VAL A 165 -5.13 -2.41 21.99
CA VAL A 165 -3.74 -2.71 21.62
C VAL A 165 -3.72 -4.06 20.91
N CYS A 166 -2.96 -4.11 19.82
CA CYS A 166 -2.85 -5.32 19.02
C CYS A 166 -1.96 -6.34 19.72
N GLY A 167 -2.08 -7.60 19.29
CA GLY A 167 -1.35 -8.68 19.93
C GLY A 167 0.14 -8.41 20.02
N CYS A 168 0.72 -7.86 18.96
CA CYS A 168 2.17 -7.72 18.92
C CYS A 168 2.66 -6.34 19.34
N GLY A 169 1.78 -5.50 19.89
CA GLY A 169 2.19 -4.28 20.59
C GLY A 169 1.70 -2.96 20.00
N ARG A 170 1.24 -2.89 18.74
CA ARG A 170 0.84 -1.60 18.19
C ARG A 170 -0.57 -1.20 18.65
N VAL A 171 -0.72 0.08 18.98
CA VAL A 171 -2.02 0.58 19.45
C VAL A 171 -2.95 0.82 18.26
N GLY A 172 -4.14 0.24 18.33
CA GLY A 172 -5.21 0.61 17.42
C GLY A 172 -5.24 -0.08 16.08
N CYS A 173 -4.62 -1.26 15.93
CA CYS A 173 -4.58 -1.95 14.65
C CYS A 173 -5.96 -2.44 14.23
N VAL A 174 -6.12 -2.64 12.92
CA VAL A 174 -7.34 -3.22 12.37
C VAL A 174 -7.66 -4.54 13.06
N GLU A 175 -6.64 -5.34 13.32
CA GLU A 175 -6.90 -6.67 13.84
C GLU A 175 -7.60 -6.62 15.20
N ALA A 176 -7.23 -5.66 16.07
CA ALA A 176 -7.74 -5.62 17.43
C ALA A 176 -9.17 -5.10 17.50
N VAL A 177 -9.76 -4.77 16.36
CA VAL A 177 -11.09 -4.21 16.30
C VAL A 177 -11.98 -5.06 15.39
N ALA A 178 -11.38 -5.76 14.41
CA ALA A 178 -12.15 -6.41 13.37
C ALA A 178 -12.10 -7.93 13.40
N ALA A 179 -11.07 -8.54 13.97
CA ALA A 179 -10.90 -9.98 13.88
C ALA A 179 -11.91 -10.73 14.75
N GLY A 180 -12.06 -12.02 14.44
CA GLY A 180 -12.88 -12.88 15.30
C GLY A 180 -12.46 -12.81 16.76
N ARG A 181 -11.14 -12.79 17.00
CA ARG A 181 -10.63 -12.67 18.37
C ARG A 181 -11.11 -11.40 19.04
N ALA A 182 -11.15 -10.29 18.29
CA ALA A 182 -11.58 -9.01 18.85
C ALA A 182 -13.08 -9.02 19.14
N ILE A 183 -13.86 -9.65 18.27
CA ILE A 183 -15.29 -9.78 18.54
C ILE A 183 -15.51 -10.58 19.81
N GLU A 184 -14.82 -11.71 19.94
CA GLU A 184 -15.00 -12.58 21.09
C GLU A 184 -14.50 -11.95 22.38
N ALA A 185 -13.49 -11.08 22.29
CA ALA A 185 -13.02 -10.39 23.49
C ALA A 185 -14.12 -9.56 24.13
N VAL A 186 -15.08 -9.09 23.32
CA VAL A 186 -16.22 -8.33 23.82
C VAL A 186 -17.40 -9.25 24.14
N SER A 187 -17.71 -10.18 23.23
CA SER A 187 -18.91 -10.99 23.42
C SER A 187 -18.74 -12.04 24.50
N SER A 188 -17.50 -12.43 24.82
CA SER A 188 -17.28 -13.32 25.94
C SER A 188 -17.53 -12.65 27.28
N GLN A 189 -17.52 -11.32 27.32
CA GLN A 189 -17.80 -10.54 28.52
C GLN A 189 -19.28 -10.20 28.67
N TRP A 190 -20.12 -10.56 27.71
CA TRP A 190 -21.53 -10.35 27.90
C TRP A 190 -22.07 -11.27 28.99
N ASN A 191 -23.20 -10.88 29.55
CA ASN A 191 -23.87 -11.66 30.58
C ASN A 191 -25.14 -12.26 29.99
N PRO A 192 -25.14 -13.54 29.59
CA PRO A 192 -24.04 -14.49 29.64
C PRO A 192 -23.11 -14.40 28.43
N PRO A 193 -22.01 -15.13 28.46
CA PRO A 193 -21.02 -15.05 27.38
C PRO A 193 -21.56 -15.59 26.07
N CYS A 194 -21.08 -15.01 24.96
CA CYS A 194 -21.38 -15.47 23.62
C CYS A 194 -20.10 -15.61 22.81
N THR A 195 -20.08 -16.56 21.90
CA THR A 195 -19.01 -16.64 20.92
C THR A 195 -19.30 -15.69 19.76
N PRO A 196 -18.32 -15.50 18.86
CA PRO A 196 -18.63 -14.70 17.66
C PRO A 196 -19.77 -15.27 16.83
N LYS A 197 -19.82 -16.59 16.66
CA LYS A 197 -20.94 -17.17 15.91
C LYS A 197 -22.28 -16.79 16.54
N GLN A 198 -22.37 -16.82 17.87
CA GLN A 198 -23.61 -16.42 18.54
C GLN A 198 -23.86 -14.93 18.39
N ALA A 199 -22.81 -14.10 18.50
CA ALA A 199 -23.02 -12.66 18.28
C ALA A 199 -23.59 -12.40 16.90
N PHE A 200 -23.09 -13.11 15.88
CA PHE A 200 -23.61 -12.92 14.53
C PHE A 200 -25.08 -13.31 14.42
N GLU A 201 -25.47 -14.44 15.02
CA GLU A 201 -26.88 -14.82 15.01
C GLU A 201 -27.75 -13.72 15.61
N LEU A 202 -27.33 -13.16 16.75
CA LEU A 202 -28.08 -12.05 17.34
C LEU A 202 -28.11 -10.83 16.41
N PHE A 203 -26.98 -10.53 15.78
CA PHE A 203 -26.93 -9.42 14.84
C PHE A 203 -27.94 -9.60 13.71
N ARG A 204 -28.10 -10.84 13.22
CA ARG A 204 -29.07 -11.08 12.16
C ARG A 204 -30.50 -10.92 12.65
N LYS A 205 -30.73 -11.02 13.96
CA LYS A 205 -32.05 -10.75 14.52
C LYS A 205 -32.18 -9.33 15.04
N ASN A 206 -31.23 -8.45 14.70
CA ASN A 206 -31.32 -7.02 14.97
C ASN A 206 -31.14 -6.69 16.44
N ASP A 207 -30.43 -7.54 17.16
CA ASP A 207 -29.98 -7.15 18.48
C ASP A 207 -29.05 -5.95 18.35
N GLU A 208 -29.43 -4.84 18.96
CA GLU A 208 -28.69 -3.61 18.71
C GLU A 208 -27.28 -3.66 19.28
N LYS A 209 -27.09 -4.31 20.43
CA LYS A 209 -25.76 -4.39 21.01
C LYS A 209 -24.85 -5.32 20.20
N ALA A 210 -25.35 -6.49 19.81
CA ALA A 210 -24.57 -7.38 18.95
C ALA A 210 -24.27 -6.73 17.61
N THR A 211 -25.28 -6.06 17.03
CA THR A 211 -25.09 -5.33 15.78
C THR A 211 -23.98 -4.31 15.91
N ALA A 212 -23.96 -3.56 17.01
CA ALA A 212 -22.88 -2.59 17.23
C ALA A 212 -21.51 -3.25 17.17
N LEU A 213 -21.37 -4.43 17.77
CA LEU A 213 -20.10 -5.14 17.77
C LEU A 213 -19.69 -5.59 16.37
N ILE A 214 -20.64 -6.11 15.58
CA ILE A 214 -20.33 -6.55 14.21
C ILE A 214 -20.00 -5.35 13.32
N GLN A 215 -20.70 -4.23 13.52
CA GLN A 215 -20.45 -3.02 12.74
C GLN A 215 -19.06 -2.45 13.01
N ARG A 216 -18.60 -2.54 14.26
CA ARG A 216 -17.25 -2.12 14.59
C ARG A 216 -16.21 -2.85 13.72
N SER A 217 -16.40 -4.15 13.52
CA SER A 217 -15.50 -4.93 12.69
C SER A 217 -15.68 -4.58 11.20
N ALA A 218 -16.92 -4.56 10.71
CA ALA A 218 -17.17 -4.32 9.29
C ALA A 218 -16.72 -2.92 8.87
N SER A 219 -17.00 -1.91 9.70
CA SER A 219 -16.55 -0.55 9.39
C SER A 219 -15.03 -0.46 9.33
N ALA A 220 -14.33 -1.20 10.19
CA ALA A 220 -12.88 -1.16 10.17
C ALA A 220 -12.33 -1.78 8.87
N ILE A 221 -12.95 -2.87 8.42
CA ILE A 221 -12.52 -3.49 7.15
C ILE A 221 -12.85 -2.56 5.99
N ALA A 222 -14.02 -1.91 6.01
CA ALA A 222 -14.36 -0.97 4.97
C ALA A 222 -13.35 0.17 4.90
N ASN A 223 -12.87 0.66 6.04
CA ASN A 223 -11.90 1.76 6.02
C ASN A 223 -10.54 1.29 5.52
N LEU A 224 -10.17 0.05 5.83
CA LEU A 224 -8.96 -0.52 5.25
C LEU A 224 -9.07 -0.62 3.74
N ILE A 225 -10.22 -1.05 3.24
CA ILE A 225 -10.39 -1.16 1.79
C ILE A 225 -10.27 0.22 1.15
N ALA A 226 -10.93 1.21 1.74
CA ALA A 226 -10.81 2.58 1.24
C ALA A 226 -9.34 3.02 1.19
N ASP A 227 -8.55 2.71 2.24
CA ASP A 227 -7.12 3.04 2.23
C ASP A 227 -6.40 2.38 1.06
N LEU A 228 -6.71 1.11 0.78
CA LEU A 228 -6.04 0.39 -0.31
C LEU A 228 -6.40 0.98 -1.67
N VAL A 229 -7.68 1.34 -1.86
CA VAL A 229 -8.14 1.91 -3.11
C VAL A 229 -7.44 3.25 -3.38
N ILE A 230 -7.46 4.15 -2.39
CA ILE A 230 -6.89 5.49 -2.60
C ILE A 230 -5.36 5.45 -2.51
N GLY A 231 -4.79 4.58 -1.68
CA GLY A 231 -3.35 4.53 -1.53
C GLY A 231 -2.63 3.80 -2.65
N LEU A 232 -3.25 2.76 -3.22
CA LEU A 232 -2.57 1.86 -4.15
C LEU A 232 -3.29 1.70 -5.48
N ASP A 233 -4.45 2.32 -5.66
CA ASP A 233 -5.21 2.17 -6.89
C ASP A 233 -5.67 0.71 -7.02
N VAL A 234 -6.00 0.08 -5.88
CA VAL A 234 -6.54 -1.27 -5.91
C VAL A 234 -7.90 -1.24 -6.61
N GLN A 235 -8.12 -2.22 -7.49
CA GLN A 235 -9.35 -2.28 -8.27
C GLN A 235 -10.37 -3.30 -7.74
N LYS A 236 -9.92 -4.31 -7.00
CA LYS A 236 -10.81 -5.37 -6.57
C LYS A 236 -10.29 -5.92 -5.25
N VAL A 237 -11.19 -6.16 -4.31
CA VAL A 237 -10.87 -6.76 -3.03
C VAL A 237 -11.75 -8.00 -2.86
N VAL A 238 -11.15 -9.10 -2.44
CA VAL A 238 -11.87 -10.35 -2.19
C VAL A 238 -11.70 -10.68 -0.71
N VAL A 239 -12.82 -10.97 -0.04
CA VAL A 239 -12.83 -11.15 1.42
C VAL A 239 -13.19 -12.59 1.74
N GLY A 240 -12.37 -13.24 2.57
CA GLY A 240 -12.63 -14.60 3.01
C GLY A 240 -12.50 -14.75 4.52
N GLY A 241 -12.33 -15.97 4.99
CA GLY A 241 -12.26 -16.22 6.41
C GLY A 241 -13.64 -16.38 7.04
N SER A 242 -13.65 -17.05 8.19
CA SER A 242 -14.95 -17.42 8.78
C SER A 242 -15.76 -16.20 9.21
N VAL A 243 -15.11 -15.15 9.70
CA VAL A 243 -15.84 -13.91 9.93
C VAL A 243 -16.18 -13.24 8.59
N GLY A 244 -15.19 -13.14 7.70
CA GLY A 244 -15.42 -12.45 6.42
C GLY A 244 -16.58 -13.03 5.63
N LEU A 245 -16.74 -14.35 5.68
CA LEU A 245 -17.80 -15.03 4.93
C LEU A 245 -19.10 -15.19 5.72
N ALA A 246 -19.14 -14.75 6.97
CA ALA A 246 -20.36 -14.90 7.76
C ALA A 246 -21.52 -14.14 7.10
N GLU A 247 -22.70 -14.75 7.11
CA GLU A 247 -23.87 -14.15 6.45
C GLU A 247 -24.15 -12.75 6.99
N GLY A 248 -24.35 -11.80 6.09
CA GLY A 248 -24.57 -10.42 6.46
C GLY A 248 -23.31 -9.58 6.60
N TYR A 249 -22.15 -10.19 6.75
CA TYR A 249 -20.95 -9.42 7.07
C TYR A 249 -20.49 -8.57 5.89
N LEU A 250 -20.24 -9.20 4.74
CA LEU A 250 -19.72 -8.44 3.60
C LEU A 250 -20.71 -7.38 3.12
N PRO A 251 -22.01 -7.63 3.06
CA PRO A 251 -22.94 -6.54 2.75
C PRO A 251 -22.78 -5.34 3.67
N LEU A 252 -22.57 -5.56 4.97
CA LEU A 252 -22.31 -4.45 5.88
C LEU A 252 -21.01 -3.72 5.52
N VAL A 253 -19.95 -4.48 5.21
CA VAL A 253 -18.69 -3.87 4.75
C VAL A 253 -18.96 -2.96 3.56
N LYS A 254 -19.70 -3.47 2.57
CA LYS A 254 -19.92 -2.72 1.34
C LYS A 254 -20.81 -1.52 1.59
N GLN A 255 -21.75 -1.63 2.53
CA GLN A 255 -22.58 -0.48 2.87
C GLN A 255 -21.73 0.65 3.46
N TYR A 256 -20.79 0.32 4.35
CA TYR A 256 -19.90 1.36 4.88
C TYR A 256 -19.03 1.95 3.78
N LEU A 257 -18.49 1.10 2.91
CA LEU A 257 -17.65 1.62 1.84
C LEU A 257 -18.45 2.57 0.95
N ASN A 258 -19.70 2.22 0.66
CA ASN A 258 -20.44 2.98 -0.36
C ASN A 258 -20.85 4.37 0.11
N THR A 259 -20.84 4.63 1.42
CA THR A 259 -21.14 5.97 1.91
C THR A 259 -19.96 6.92 1.81
N MET A 260 -18.76 6.43 1.54
CA MET A 260 -17.61 7.29 1.34
C MET A 260 -17.65 7.88 -0.06
N PRO A 261 -16.85 8.92 -0.34
CA PRO A 261 -16.81 9.47 -1.69
C PRO A 261 -16.52 8.39 -2.73
N HIS A 262 -17.01 8.61 -3.95
CA HIS A 262 -16.98 7.57 -4.97
C HIS A 262 -15.57 7.10 -5.28
N PHE A 263 -14.56 7.97 -5.15
CA PHE A 263 -13.22 7.53 -5.53
C PHE A 263 -12.57 6.60 -4.49
N TYR A 264 -13.26 6.21 -3.41
CA TYR A 264 -12.78 5.14 -2.55
C TYR A 264 -13.39 3.79 -2.89
N HIS A 265 -14.36 3.75 -3.79
CA HIS A 265 -15.07 2.52 -4.13
C HIS A 265 -14.23 1.63 -5.02
N CYS A 266 -14.44 0.32 -4.88
CA CYS A 266 -13.89 -0.65 -5.82
C CYS A 266 -14.77 -1.88 -5.76
N THR A 267 -14.49 -2.86 -6.63
CA THR A 267 -15.21 -4.13 -6.58
C THR A 267 -14.84 -4.88 -5.31
N VAL A 268 -15.85 -5.36 -4.58
CA VAL A 268 -15.66 -6.11 -3.32
C VAL A 268 -16.52 -7.37 -3.39
N GLU A 269 -15.89 -8.55 -3.33
CA GLU A 269 -16.59 -9.83 -3.47
C GLU A 269 -16.11 -10.83 -2.43
N GLN A 270 -16.91 -11.85 -2.17
CA GLN A 270 -16.52 -12.89 -1.24
C GLN A 270 -15.55 -13.86 -1.92
N ALA A 271 -14.68 -14.45 -1.12
CA ALA A 271 -13.79 -15.49 -1.62
C ALA A 271 -14.61 -16.66 -2.15
N ARG A 272 -14.17 -17.24 -3.27
CA ARG A 272 -14.85 -18.38 -3.84
C ARG A 272 -13.96 -19.57 -4.08
N HIS A 273 -12.66 -19.43 -3.87
CA HIS A 273 -11.66 -20.46 -4.17
C HIS A 273 -10.97 -20.88 -2.89
N GLY A 274 -11.72 -20.95 -1.79
CA GLY A 274 -11.14 -21.35 -0.54
C GLY A 274 -10.65 -22.78 -0.53
N GLN A 275 -11.27 -23.65 -1.33
CA GLN A 275 -10.97 -25.09 -1.30
C GLN A 275 -9.63 -25.36 -1.95
N ASP A 276 -8.68 -25.87 -1.17
CA ASP A 276 -7.31 -26.13 -1.62
C ASP A 276 -6.60 -24.84 -2.05
N ALA A 277 -7.00 -23.71 -1.45
CA ALA A 277 -6.47 -22.41 -1.85
C ALA A 277 -4.95 -22.37 -1.70
N GLY A 278 -4.43 -22.95 -0.61
CA GLY A 278 -3.00 -22.95 -0.39
C GLY A 278 -2.24 -23.65 -1.50
N LEU A 279 -2.63 -24.90 -1.77
CA LEU A 279 -1.96 -25.66 -2.81
C LEU A 279 -2.09 -24.99 -4.17
N LEU A 280 -3.31 -24.64 -4.56
CA LEU A 280 -3.53 -24.12 -5.91
C LEU A 280 -2.90 -22.74 -6.08
N GLY A 281 -2.98 -21.89 -5.06
CA GLY A 281 -2.38 -20.57 -5.16
C GLY A 281 -0.87 -20.61 -5.24
N ALA A 282 -0.23 -21.42 -4.38
CA ALA A 282 1.21 -21.57 -4.45
C ALA A 282 1.64 -22.12 -5.81
N ALA A 283 0.96 -23.17 -6.29
CA ALA A 283 1.31 -23.75 -7.59
C ALA A 283 1.23 -22.69 -8.69
N TRP A 284 0.13 -21.93 -8.72
CA TRP A 284 -0.03 -20.91 -9.75
C TRP A 284 1.04 -19.83 -9.65
N TRP A 285 1.37 -19.40 -8.43
CA TRP A 285 2.29 -18.28 -8.28
C TRP A 285 3.70 -18.68 -8.71
N VAL A 286 4.16 -19.84 -8.23
CA VAL A 286 5.51 -20.26 -8.58
C VAL A 286 5.64 -20.47 -10.08
N ALA A 287 4.60 -21.04 -10.72
CA ALA A 287 4.61 -21.16 -12.17
C ALA A 287 4.70 -19.80 -12.84
N ASP A 288 3.90 -18.84 -12.36
CA ASP A 288 3.92 -17.48 -12.89
C ASP A 288 5.31 -16.86 -12.78
N CYS A 289 5.97 -17.04 -11.62
CA CYS A 289 7.34 -16.57 -11.48
C CYS A 289 8.26 -17.19 -12.52
N LEU A 290 8.16 -18.51 -12.70
CA LEU A 290 9.03 -19.21 -13.63
C LEU A 290 8.80 -18.73 -15.06
N LYS A 291 7.54 -18.59 -15.47
CA LYS A 291 7.23 -18.04 -16.78
C LYS A 291 7.92 -16.70 -16.99
N GLN A 292 7.86 -15.82 -16.00
CA GLN A 292 8.43 -14.47 -16.14
C GLN A 292 9.86 -14.41 -15.65
N GLY A 293 10.71 -15.29 -16.16
CA GLY A 293 12.12 -15.29 -15.81
C GLY A 293 12.60 -16.57 -15.16
N MET B 1 20.94 10.74 -24.09
CA MET B 1 19.51 11.04 -24.15
C MET B 1 19.23 12.43 -23.59
N ARG B 2 18.55 13.24 -24.40
CA ARG B 2 18.18 14.59 -24.03
C ARG B 2 16.70 14.60 -23.72
N CYS B 3 16.33 15.16 -22.56
CA CYS B 3 14.94 15.19 -22.14
C CYS B 3 14.41 16.61 -22.18
N LEU B 4 13.29 16.81 -22.87
CA LEU B 4 12.49 18.00 -22.65
C LEU B 4 11.59 17.74 -21.46
N ALA B 5 11.86 18.40 -20.33
CA ALA B 5 11.11 18.19 -19.10
C ALA B 5 10.16 19.36 -18.86
N LEU B 6 8.88 19.06 -18.65
CA LEU B 6 7.86 20.06 -18.30
C LEU B 6 7.36 19.83 -16.89
N ASP B 7 7.22 20.92 -16.13
CA ASP B 7 6.62 20.86 -14.79
C ASP B 7 5.46 21.84 -14.70
N ILE B 8 4.23 21.32 -14.79
CA ILE B 8 3.01 22.11 -14.87
C ILE B 8 2.41 22.22 -13.47
N GLY B 9 2.56 23.38 -12.84
CA GLY B 9 1.98 23.65 -11.55
C GLY B 9 0.70 24.45 -11.65
N GLY B 10 0.15 24.76 -10.47
CA GLY B 10 -1.06 25.55 -10.42
C GLY B 10 -0.84 26.99 -10.81
N THR B 11 0.39 27.49 -10.64
CA THR B 11 0.75 28.88 -10.92
C THR B 11 1.76 29.03 -12.04
N LYS B 12 2.78 28.18 -12.10
CA LYS B 12 3.85 28.33 -13.07
C LYS B 12 4.08 27.01 -13.81
N ILE B 13 4.52 27.15 -15.07
CA ILE B 13 4.94 26.04 -15.90
C ILE B 13 6.43 26.20 -16.18
N ALA B 14 7.24 25.30 -15.63
CA ALA B 14 8.67 25.30 -15.88
C ALA B 14 9.00 24.30 -16.99
N SER B 15 9.94 24.67 -17.86
CA SER B 15 10.44 23.77 -18.88
C SER B 15 11.96 23.79 -18.87
N ALA B 16 12.55 22.75 -19.43
CA ALA B 16 14.01 22.68 -19.44
C ALA B 16 14.44 21.50 -20.29
N ILE B 17 15.71 21.52 -20.68
CA ILE B 17 16.35 20.37 -21.28
C ILE B 17 17.19 19.70 -20.19
N VAL B 18 16.98 18.41 -19.99
CA VAL B 18 17.70 17.64 -19.00
C VAL B 18 18.53 16.60 -19.73
N THR B 19 19.85 16.66 -19.52
CA THR B 19 20.77 15.72 -20.14
C THR B 19 21.78 15.28 -19.09
N ASP B 20 21.99 13.96 -18.98
CA ASP B 20 22.83 13.39 -17.93
C ASP B 20 22.41 13.88 -16.54
N GLY B 21 21.10 14.08 -16.37
CA GLY B 21 20.60 14.61 -15.10
C GLY B 21 20.95 16.05 -14.82
N LYS B 22 21.40 16.80 -15.82
CA LYS B 22 21.78 18.20 -15.68
C LYS B 22 20.76 19.08 -16.37
N ILE B 23 20.37 20.15 -15.70
CA ILE B 23 19.40 21.10 -16.23
C ILE B 23 20.12 22.15 -17.06
N GLU B 24 19.50 22.57 -18.15
CA GLU B 24 20.02 23.66 -18.93
C GLU B 24 18.86 24.24 -19.75
N GLN B 25 18.92 25.55 -19.98
CA GLN B 25 17.89 26.23 -20.75
C GLN B 25 16.57 26.27 -19.99
N ARG B 26 16.65 26.49 -18.69
CA ARG B 26 15.46 26.71 -17.89
C ARG B 26 14.52 27.70 -18.56
N GLN B 27 13.25 27.66 -18.18
CA GLN B 27 12.30 28.68 -18.60
C GLN B 27 11.02 28.49 -17.82
N GLN B 28 10.40 29.61 -17.43
CA GLN B 28 9.25 29.59 -16.56
C GLN B 28 8.23 30.59 -17.06
N ILE B 29 6.98 30.14 -17.23
CA ILE B 29 5.89 30.99 -17.67
C ILE B 29 4.71 30.77 -16.73
N ALA B 30 3.71 31.62 -16.87
CA ALA B 30 2.54 31.50 -16.01
C ALA B 30 1.61 30.42 -16.54
N THR B 31 1.07 29.62 -15.62
CA THR B 31 0.08 28.63 -16.01
C THR B 31 -1.17 29.34 -16.53
N PRO B 32 -1.67 29.00 -17.71
CA PRO B 32 -2.83 29.71 -18.26
C PRO B 32 -4.01 29.76 -17.30
N GLN B 33 -4.62 30.94 -17.19
CA GLN B 33 -5.79 31.17 -16.33
C GLN B 33 -6.99 31.68 -17.11
N ALA B 34 -6.82 32.69 -17.96
CA ALA B 34 -7.88 33.13 -18.85
C ALA B 34 -8.09 32.10 -19.95
N ASP B 35 -9.34 31.73 -20.20
CA ASP B 35 -9.67 30.76 -21.25
C ASP B 35 -8.70 29.57 -21.22
N ALA B 36 -8.52 29.02 -20.02
CA ALA B 36 -7.36 28.18 -19.73
C ALA B 36 -7.23 27.00 -20.70
N ALA B 37 -8.33 26.33 -21.01
CA ALA B 37 -8.24 25.15 -21.87
C ALA B 37 -7.75 25.52 -23.26
N ASN B 38 -8.38 26.52 -23.89
CA ASN B 38 -7.89 26.95 -25.20
C ASN B 38 -6.45 27.46 -25.11
N ALA B 39 -6.16 28.24 -24.06
CA ALA B 39 -4.83 28.82 -23.91
C ALA B 39 -3.75 27.76 -23.74
N MET B 40 -4.05 26.69 -22.98
CA MET B 40 -3.03 25.68 -22.73
C MET B 40 -2.55 25.02 -24.01
N HIS B 41 -3.46 24.81 -24.99
CA HIS B 41 -3.03 24.26 -26.27
C HIS B 41 -1.99 25.17 -26.92
N ASP B 42 -2.21 26.49 -26.85
CA ASP B 42 -1.24 27.48 -27.35
C ASP B 42 0.08 27.39 -26.57
N THR B 43 -0.01 27.43 -25.25
CA THR B 43 1.20 27.36 -24.42
C THR B 43 2.04 26.15 -24.77
N LEU B 44 1.41 24.98 -24.83
CA LEU B 44 2.16 23.76 -25.13
C LEU B 44 2.75 23.81 -26.54
N ALA B 45 1.96 24.27 -27.52
CA ALA B 45 2.51 24.45 -28.86
C ALA B 45 3.75 25.34 -28.84
N ASN B 46 3.70 26.44 -28.08
CA ASN B 46 4.83 27.38 -28.05
C ASN B 46 6.05 26.76 -27.39
N ILE B 47 5.87 25.98 -26.31
CA ILE B 47 7.00 25.33 -25.66
C ILE B 47 7.65 24.33 -26.61
N LEU B 48 6.84 23.49 -27.25
CA LEU B 48 7.40 22.48 -28.14
C LEU B 48 8.10 23.14 -29.33
N ALA B 49 7.66 24.33 -29.73
CA ALA B 49 8.38 25.07 -30.75
C ALA B 49 9.74 25.52 -30.24
N LEU B 50 9.77 26.10 -29.03
CA LEU B 50 11.00 26.69 -28.54
C LEU B 50 12.13 25.67 -28.47
N TYR B 51 11.83 24.43 -28.09
CA TYR B 51 12.85 23.40 -27.94
C TYR B 51 12.90 22.43 -29.11
N ALA B 52 12.25 22.75 -30.22
CA ALA B 52 12.16 21.82 -31.35
C ALA B 52 13.54 21.27 -31.71
N GLY B 53 13.59 19.97 -31.98
CA GLY B 53 14.82 19.29 -32.34
C GLY B 53 15.81 19.04 -31.22
N GLN B 54 15.59 19.59 -30.03
CA GLN B 54 16.58 19.54 -28.95
C GLN B 54 16.36 18.39 -27.97
N PHE B 55 15.40 17.50 -28.21
CA PHE B 55 15.08 16.47 -27.24
C PHE B 55 14.81 15.14 -27.93
N ASP B 56 15.20 14.06 -27.26
CA ASP B 56 14.83 12.72 -27.67
C ASP B 56 13.51 12.26 -27.09
N TYR B 57 13.09 12.84 -25.97
CA TYR B 57 11.84 12.44 -25.33
C TYR B 57 11.36 13.56 -24.41
N VAL B 58 10.07 13.49 -24.08
CA VAL B 58 9.38 14.49 -23.26
C VAL B 58 8.95 13.84 -21.95
N ALA B 59 9.15 14.55 -20.85
CA ALA B 59 8.71 14.08 -19.53
C ALA B 59 7.93 15.20 -18.86
N VAL B 60 6.67 14.92 -18.48
CA VAL B 60 5.76 15.93 -17.94
C VAL B 60 5.40 15.58 -16.50
N ALA B 61 5.72 16.47 -15.58
CA ALA B 61 5.16 16.43 -14.23
C ALA B 61 4.06 17.47 -14.11
N SER B 62 2.98 17.11 -13.43
CA SER B 62 1.84 18.01 -13.34
C SER B 62 1.15 17.83 -11.99
N THR B 63 0.63 18.93 -11.44
CA THR B 63 -0.23 18.75 -10.27
C THR B 63 -1.50 18.04 -10.69
N GLY B 64 -2.11 17.36 -9.73
CA GLY B 64 -3.30 16.61 -10.01
C GLY B 64 -2.95 15.17 -10.31
N ILE B 65 -3.76 14.52 -11.13
CA ILE B 65 -3.65 13.10 -11.43
C ILE B 65 -3.57 12.94 -12.95
N ILE B 66 -2.65 12.11 -13.42
CA ILE B 66 -2.57 11.76 -14.83
C ILE B 66 -3.28 10.42 -15.01
N ASN B 67 -4.43 10.42 -15.68
CA ASN B 67 -5.18 9.20 -16.00
C ASN B 67 -5.15 9.00 -17.51
N HIS B 68 -4.32 8.05 -17.97
CA HIS B 68 -4.22 7.72 -19.38
C HIS B 68 -3.99 8.98 -20.23
N GLY B 69 -3.02 9.78 -19.82
CA GLY B 69 -2.62 10.97 -20.55
C GLY B 69 -3.51 12.18 -20.37
N VAL B 70 -4.50 12.10 -19.48
CA VAL B 70 -5.46 13.18 -19.26
C VAL B 70 -5.25 13.75 -17.87
N LEU B 71 -5.25 15.07 -17.78
CA LEU B 71 -5.06 15.76 -16.50
C LEU B 71 -6.37 15.80 -15.74
N THR B 72 -6.40 15.24 -14.53
CA THR B 72 -7.62 15.22 -13.73
C THR B 72 -7.25 15.40 -12.25
N ALA B 73 -8.22 15.20 -11.37
CA ALA B 73 -7.96 15.34 -9.95
C ALA B 73 -9.06 14.61 -9.19
N LEU B 74 -8.80 14.35 -7.89
CA LEU B 74 -9.84 13.75 -7.07
C LEU B 74 -11.10 14.59 -7.10
N ASN B 75 -10.96 15.90 -6.96
CA ASN B 75 -12.02 16.86 -7.28
C ASN B 75 -11.60 17.64 -8.52
N PRO B 76 -12.04 17.28 -9.72
CA PRO B 76 -11.54 17.96 -10.92
C PRO B 76 -11.86 19.44 -10.95
N LYS B 77 -12.68 19.93 -10.01
CA LYS B 77 -12.96 21.35 -9.92
C LYS B 77 -11.72 22.15 -9.49
N ASN B 78 -10.81 21.53 -8.72
CA ASN B 78 -9.60 22.24 -8.31
C ASN B 78 -8.67 22.58 -9.46
N LEU B 79 -8.93 22.07 -10.67
CA LEU B 79 -8.11 22.36 -11.83
C LEU B 79 -8.68 23.49 -12.68
N GLY B 80 -9.85 24.02 -12.32
CA GLY B 80 -10.50 25.01 -13.16
C GLY B 80 -10.66 24.51 -14.58
N GLY B 81 -10.32 25.37 -15.53
CA GLY B 81 -10.56 25.05 -16.92
C GLY B 81 -9.64 23.98 -17.47
N LEU B 82 -8.62 23.58 -16.72
CA LEU B 82 -7.74 22.48 -17.12
C LEU B 82 -8.26 21.11 -16.67
N ALA B 83 -9.43 21.05 -16.05
CA ALA B 83 -10.01 19.75 -15.72
C ALA B 83 -10.18 18.91 -16.98
N GLU B 84 -9.68 17.67 -16.94
CA GLU B 84 -9.79 16.75 -18.06
C GLU B 84 -9.00 17.21 -19.28
N PHE B 85 -7.97 18.01 -19.08
CA PHE B 85 -7.24 18.52 -20.23
C PHE B 85 -6.46 17.38 -20.90
N PRO B 86 -6.60 17.19 -22.23
CA PRO B 86 -5.86 16.11 -22.91
C PRO B 86 -4.38 16.42 -23.13
N LEU B 87 -3.59 16.22 -22.07
CA LEU B 87 -2.22 16.72 -22.02
C LEU B 87 -1.29 15.95 -22.97
N LYS B 88 -1.32 14.62 -22.91
CA LYS B 88 -0.41 13.85 -23.76
C LYS B 88 -0.74 14.04 -25.22
N GLU B 89 -2.04 14.12 -25.54
CA GLU B 89 -2.45 14.26 -26.92
C GLU B 89 -2.03 15.60 -27.50
N SER B 90 -2.14 16.67 -26.72
CA SER B 90 -1.76 18.00 -27.21
C SER B 90 -0.25 18.07 -27.46
N ILE B 91 0.55 17.54 -26.55
CA ILE B 91 1.99 17.49 -26.78
C ILE B 91 2.29 16.66 -28.04
N ALA B 92 1.61 15.52 -28.19
CA ALA B 92 1.89 14.62 -29.31
C ALA B 92 1.58 15.26 -30.66
N ARG B 93 0.71 16.27 -30.71
CA ARG B 93 0.47 17.00 -31.94
C ARG B 93 1.75 17.59 -32.52
N HIS B 94 2.72 17.91 -31.66
CA HIS B 94 3.90 18.66 -32.06
C HIS B 94 5.19 17.86 -31.96
N THR B 95 5.12 16.56 -31.68
CA THR B 95 6.34 15.76 -31.65
C THR B 95 6.00 14.28 -31.76
N ASP B 96 6.91 13.54 -32.35
CA ASP B 96 6.81 12.09 -32.47
C ASP B 96 7.69 11.36 -31.46
N LYS B 97 8.45 12.08 -30.64
CA LYS B 97 9.23 11.45 -29.60
C LYS B 97 8.31 10.89 -28.51
N PRO B 98 8.77 9.90 -27.75
CA PRO B 98 7.92 9.35 -26.69
C PRO B 98 7.70 10.36 -25.57
N ILE B 99 6.49 10.34 -25.01
CA ILE B 99 6.06 11.27 -23.97
C ILE B 99 5.62 10.47 -22.75
N GLY B 100 6.23 10.75 -21.60
CA GLY B 100 5.79 10.20 -20.32
C GLY B 100 5.23 11.30 -19.42
N LEU B 101 4.18 10.95 -18.66
CA LEU B 101 3.52 11.88 -17.76
C LEU B 101 3.34 11.25 -16.39
N LEU B 102 3.51 12.06 -15.34
CA LEU B 102 3.28 11.62 -13.97
C LEU B 102 2.94 12.86 -13.16
N ASN B 103 2.44 12.67 -11.94
CA ASN B 103 2.08 13.87 -11.19
C ASN B 103 3.25 14.37 -10.36
N ASP B 104 3.08 15.57 -9.79
CA ASP B 104 4.22 16.30 -9.25
C ASP B 104 4.80 15.63 -8.01
N VAL B 105 3.95 15.05 -7.16
CA VAL B 105 4.47 14.37 -5.99
C VAL B 105 5.18 13.09 -6.40
N GLN B 106 4.63 12.37 -7.39
CA GLN B 106 5.34 11.22 -7.93
C GLN B 106 6.69 11.63 -8.48
N ALA B 107 6.75 12.73 -9.24
CA ALA B 107 8.03 13.17 -9.78
C ALA B 107 9.00 13.52 -8.65
N ALA B 108 8.52 14.18 -7.60
CA ALA B 108 9.40 14.50 -6.47
C ALA B 108 9.91 13.24 -5.80
N ALA B 109 9.05 12.22 -5.68
CA ALA B 109 9.51 10.92 -5.17
C ALA B 109 10.67 10.40 -6.00
N CYS B 110 10.55 10.48 -7.33
CA CYS B 110 11.61 9.96 -8.18
C CYS B 110 12.89 10.76 -8.02
N ALA B 111 12.75 12.08 -7.83
CA ALA B 111 13.93 12.91 -7.58
C ALA B 111 14.66 12.47 -6.33
N GLU B 112 13.93 12.07 -5.29
CA GLU B 112 14.57 11.63 -4.05
C GLU B 112 15.04 10.19 -4.12
N TYR B 113 14.49 9.40 -5.03
CA TYR B 113 14.90 8.01 -5.18
C TYR B 113 16.10 7.83 -6.11
N LYS B 114 16.20 8.64 -7.17
CA LYS B 114 17.17 8.37 -8.24
C LYS B 114 18.60 8.23 -7.71
N ASP B 115 18.96 8.92 -6.64
CA ASP B 115 20.30 8.80 -6.08
C ASP B 115 20.41 7.81 -4.92
N GLU B 116 19.36 7.08 -4.61
CA GLU B 116 19.48 6.06 -3.57
C GLU B 116 20.30 4.87 -4.06
N ASP B 117 20.85 4.14 -3.09
CA ASP B 117 21.43 2.82 -3.34
C ASP B 117 20.31 1.83 -3.64
N LYS B 118 20.09 1.53 -4.92
CA LYS B 118 18.95 0.72 -5.31
C LYS B 118 19.17 -0.77 -5.08
N ASN B 119 20.41 -1.19 -4.81
CA ASN B 119 20.62 -2.53 -4.25
C ASN B 119 19.94 -2.65 -2.90
N ALA B 120 20.12 -1.63 -2.05
CA ALA B 120 19.66 -1.69 -0.67
C ALA B 120 18.25 -1.13 -0.46
N VAL B 121 17.75 -0.26 -1.34
CA VAL B 121 16.45 0.40 -1.16
C VAL B 121 15.62 0.15 -2.41
N GLN B 122 14.68 -0.79 -2.33
CA GLN B 122 13.78 -1.02 -3.46
C GLN B 122 12.35 -0.57 -3.19
N ASN B 123 11.92 -0.48 -1.93
CA ASN B 123 10.58 -0.01 -1.57
C ASN B 123 10.72 1.31 -0.83
N PHE B 124 10.18 2.38 -1.43
CA PHE B 124 10.56 3.75 -1.07
C PHE B 124 9.34 4.64 -1.20
N VAL B 125 9.11 5.51 -0.21
CA VAL B 125 7.94 6.38 -0.26
C VAL B 125 8.36 7.80 0.03
N PHE B 126 7.88 8.73 -0.78
CA PHE B 126 8.03 10.16 -0.56
C PHE B 126 6.70 10.70 -0.08
N ILE B 127 6.73 11.42 1.05
CA ILE B 127 5.57 12.08 1.60
C ILE B 127 5.87 13.57 1.65
N THR B 128 5.01 14.39 1.06
CA THR B 128 5.10 15.83 1.24
C THR B 128 4.03 16.24 2.22
N VAL B 129 4.43 16.90 3.29
CA VAL B 129 3.51 17.51 4.23
C VAL B 129 3.63 19.02 4.02
N SER B 130 2.62 19.58 3.34
CA SER B 130 2.61 21.00 3.02
C SER B 130 1.22 21.55 3.31
N THR B 131 0.65 22.31 2.38
CA THR B 131 -0.74 22.73 2.51
C THR B 131 -1.65 21.52 2.66
N GLY B 132 -1.43 20.52 1.82
CA GLY B 132 -2.02 19.20 1.98
C GLY B 132 -0.93 18.16 2.18
N VAL B 133 -1.34 16.89 2.12
CA VAL B 133 -0.43 15.76 2.25
C VAL B 133 -0.52 14.96 0.97
N GLY B 134 0.61 14.70 0.32
CA GLY B 134 0.66 13.88 -0.86
C GLY B 134 1.78 12.86 -0.78
N GLY B 135 1.72 11.87 -1.67
CA GLY B 135 2.73 10.83 -1.67
C GLY B 135 3.08 10.30 -3.05
N GLY B 136 4.22 9.66 -3.11
CA GLY B 136 4.63 8.91 -4.29
C GLY B 136 5.23 7.59 -3.82
N ILE B 137 4.84 6.48 -4.43
CA ILE B 137 5.25 5.16 -3.96
C ILE B 137 6.04 4.43 -5.02
N ILE B 138 7.18 3.88 -4.59
CA ILE B 138 8.07 3.11 -5.42
C ILE B 138 8.23 1.75 -4.75
N LEU B 139 7.84 0.68 -5.45
CA LEU B 139 8.03 -0.71 -5.00
C LEU B 139 8.83 -1.49 -6.04
N GLU B 140 9.75 -2.34 -5.56
CA GLU B 140 10.69 -3.04 -6.43
C GLU B 140 11.32 -2.09 -7.45
N ARG B 141 11.74 -0.91 -6.99
CA ARG B 141 12.45 0.07 -7.79
C ARG B 141 11.60 0.74 -8.87
N ARG B 142 10.29 0.47 -8.93
CA ARG B 142 9.40 1.05 -9.93
C ARG B 142 8.32 1.89 -9.25
N LEU B 143 8.09 3.09 -9.79
CA LEU B 143 7.03 3.97 -9.30
C LEU B 143 5.66 3.38 -9.63
N LEU B 144 4.73 3.44 -8.66
CA LEU B 144 3.36 2.99 -8.91
C LEU B 144 2.57 4.10 -9.60
N THR B 145 1.95 3.77 -10.75
CA THR B 145 1.14 4.71 -11.52
C THR B 145 -0.08 4.06 -12.17
N GLU B 146 -0.21 2.72 -12.18
CA GLU B 146 -1.26 2.03 -12.92
C GLU B 146 -2.39 1.62 -11.99
N PRO B 147 -3.62 1.52 -12.51
CA PRO B 147 -3.92 1.83 -13.92
C PRO B 147 -4.23 3.31 -14.17
N ASN B 148 -4.67 4.03 -13.13
CA ASN B 148 -5.29 5.34 -13.35
C ASN B 148 -4.54 6.49 -12.67
N GLY B 149 -3.28 6.31 -12.29
CA GLY B 149 -2.49 7.40 -11.73
C GLY B 149 -2.82 7.79 -10.31
N VAL B 150 -3.63 7.01 -9.61
CA VAL B 150 -4.05 7.40 -8.28
C VAL B 150 -3.06 6.97 -7.19
N ALA B 151 -2.31 5.89 -7.41
CA ALA B 151 -1.43 5.37 -6.35
C ALA B 151 -0.55 6.46 -5.75
N GLY B 152 -0.45 6.47 -4.43
CA GLY B 152 0.29 7.48 -3.70
C GLY B 152 -0.56 8.48 -2.96
N HIS B 153 -1.89 8.46 -3.12
CA HIS B 153 -2.74 9.42 -2.43
C HIS B 153 -2.97 9.00 -0.97
N ILE B 154 -1.85 8.86 -0.26
CA ILE B 154 -1.89 8.37 1.10
C ILE B 154 -2.33 9.43 2.09
N GLY B 155 -2.35 10.70 1.69
CA GLY B 155 -3.00 11.71 2.51
C GLY B 155 -4.48 11.44 2.74
N HIS B 156 -5.10 10.62 1.87
CA HIS B 156 -6.51 10.30 2.05
C HIS B 156 -6.73 8.94 2.71
N THR B 157 -5.70 8.34 3.28
CA THR B 157 -5.92 7.16 4.11
C THR B 157 -6.37 7.61 5.51
N LEU B 158 -6.84 6.65 6.31
CA LEU B 158 -7.46 6.96 7.59
C LEU B 158 -6.43 7.24 8.69
N ALA B 159 -6.62 8.35 9.40
CA ALA B 159 -5.80 8.64 10.56
C ALA B 159 -6.54 8.44 11.88
N ASP B 160 -7.87 8.66 11.91
CA ASP B 160 -8.68 8.60 13.13
C ASP B 160 -10.15 8.65 12.74
N PRO B 161 -10.92 7.58 12.98
CA PRO B 161 -12.33 7.59 12.57
C PRO B 161 -13.19 8.62 13.32
N ASN B 162 -12.65 9.26 14.36
CA ASN B 162 -13.34 10.33 15.07
C ASN B 162 -12.71 11.69 14.79
N GLY B 163 -11.90 11.79 13.73
CA GLY B 163 -11.19 13.02 13.44
C GLY B 163 -11.99 13.90 12.51
N PRO B 164 -11.44 15.06 12.15
CA PRO B 164 -12.15 15.99 11.27
C PRO B 164 -12.41 15.38 9.89
N VAL B 165 -13.37 15.97 9.18
CA VAL B 165 -13.76 15.51 7.85
C VAL B 165 -12.83 16.11 6.80
N CYS B 166 -12.41 15.29 5.85
N CYS B 166 -12.41 15.28 5.84
CA CYS B 166 -11.48 15.77 4.84
CA CYS B 166 -11.50 15.74 4.80
C CYS B 166 -12.22 16.46 3.70
C CYS B 166 -12.24 16.52 3.73
N GLY B 167 -11.45 17.12 2.83
CA GLY B 167 -11.99 18.00 1.82
C GLY B 167 -13.16 17.41 1.04
N CYS B 168 -13.01 16.18 0.55
CA CYS B 168 -14.00 15.63 -0.36
C CYS B 168 -15.03 14.75 0.32
N GLY B 169 -14.96 14.59 1.64
CA GLY B 169 -16.02 13.87 2.32
C GLY B 169 -15.61 12.74 3.24
N ARG B 170 -14.41 12.18 3.08
CA ARG B 170 -14.02 11.10 3.96
C ARG B 170 -13.79 11.60 5.38
N VAL B 171 -14.33 10.89 6.36
CA VAL B 171 -14.16 11.26 7.76
C VAL B 171 -12.81 10.77 8.25
N GLY B 172 -11.98 11.69 8.74
CA GLY B 172 -10.81 11.33 9.49
C GLY B 172 -9.54 11.00 8.73
N CYS B 173 -9.35 11.54 7.51
CA CYS B 173 -8.11 11.23 6.78
C CYS B 173 -6.91 11.94 7.39
N VAL B 174 -5.73 11.46 6.97
CA VAL B 174 -4.46 12.03 7.40
C VAL B 174 -4.41 13.52 7.08
N GLU B 175 -4.97 13.90 5.94
CA GLU B 175 -4.88 15.28 5.51
C GLU B 175 -5.51 16.23 6.53
N ALA B 176 -6.65 15.85 7.11
CA ALA B 176 -7.44 16.72 7.98
C ALA B 176 -6.90 16.80 9.41
N VAL B 177 -5.85 16.05 9.75
CA VAL B 177 -5.17 16.27 11.02
C VAL B 177 -3.70 16.62 10.86
N ALA B 178 -3.08 16.33 9.72
CA ALA B 178 -1.64 16.49 9.59
C ALA B 178 -1.20 17.64 8.70
N ALA B 179 -2.01 18.02 7.71
CA ALA B 179 -1.56 19.01 6.72
C ALA B 179 -1.47 20.41 7.33
N GLY B 180 -0.69 21.28 6.66
CA GLY B 180 -0.64 22.68 7.09
C GLY B 180 -2.02 23.32 7.15
N ARG B 181 -2.89 22.96 6.21
CA ARG B 181 -4.27 23.46 6.25
C ARG B 181 -4.97 23.04 7.53
N ALA B 182 -4.75 21.80 7.97
CA ALA B 182 -5.39 21.33 9.20
C ALA B 182 -4.81 22.00 10.43
N ILE B 183 -3.51 22.30 10.41
CA ILE B 183 -2.90 23.03 11.51
C ILE B 183 -3.50 24.43 11.60
N GLU B 184 -3.57 25.12 10.47
CA GLU B 184 -4.11 26.47 10.44
C GLU B 184 -5.58 26.52 10.82
N ALA B 185 -6.36 25.49 10.50
CA ALA B 185 -7.76 25.46 10.89
C ALA B 185 -7.91 25.56 12.40
N VAL B 186 -6.92 25.09 13.15
CA VAL B 186 -6.94 25.22 14.61
C VAL B 186 -6.27 26.50 15.05
N SER B 187 -5.08 26.81 14.50
CA SER B 187 -4.33 27.95 15.01
C SER B 187 -4.97 29.28 14.64
N SER B 188 -5.80 29.32 13.59
CA SER B 188 -6.46 30.56 13.21
C SER B 188 -7.62 30.90 14.14
N GLN B 189 -8.09 29.92 14.91
CA GLN B 189 -9.13 30.11 15.91
C GLN B 189 -8.56 30.47 17.28
N TRP B 190 -7.24 30.47 17.43
CA TRP B 190 -6.67 30.93 18.70
C TRP B 190 -6.94 32.42 18.89
N ASN B 191 -6.99 32.83 20.15
CA ASN B 191 -7.13 34.24 20.49
C ASN B 191 -5.78 34.78 20.97
N PRO B 192 -5.01 35.47 20.13
CA PRO B 192 -5.24 35.87 18.74
C PRO B 192 -4.84 34.80 17.71
N PRO B 193 -5.28 34.97 16.46
CA PRO B 193 -5.00 33.94 15.44
C PRO B 193 -3.51 33.80 15.18
N CYS B 194 -3.10 32.56 14.87
CA CYS B 194 -1.74 32.25 14.46
C CYS B 194 -1.74 31.46 13.16
N THR B 195 -0.69 31.63 12.38
CA THR B 195 -0.45 30.80 11.21
C THR B 195 0.30 29.54 11.63
N PRO B 196 0.42 28.55 10.74
CA PRO B 196 1.22 27.37 11.10
C PRO B 196 2.67 27.72 11.46
N LYS B 197 3.29 28.62 10.71
CA LYS B 197 4.66 29.01 11.04
C LYS B 197 4.76 29.57 12.46
N GLN B 198 3.76 30.35 12.88
CA GLN B 198 3.76 30.88 14.23
C GLN B 198 3.51 29.79 15.27
N ALA B 199 2.62 28.84 14.95
CA ALA B 199 2.39 27.71 15.86
C ALA B 199 3.69 26.91 16.07
N PHE B 200 4.46 26.72 15.00
CA PHE B 200 5.73 26.01 15.11
C PHE B 200 6.72 26.75 16.00
N GLU B 201 6.84 28.08 15.81
CA GLU B 201 7.71 28.87 16.67
C GLU B 201 7.34 28.69 18.14
N LEU B 202 6.06 28.70 18.46
CA LEU B 202 5.64 28.49 19.85
C LEU B 202 5.93 27.06 20.30
N PHE B 203 5.72 26.08 19.42
CA PHE B 203 6.09 24.70 19.73
C PHE B 203 7.58 24.58 20.06
N ARG B 204 8.44 25.24 19.29
CA ARG B 204 9.85 25.16 19.61
C ARG B 204 10.20 25.89 20.91
N LYS B 205 9.30 26.72 21.44
CA LYS B 205 9.50 27.34 22.73
C LYS B 205 8.67 26.67 23.81
N ASN B 206 8.20 25.45 23.55
CA ASN B 206 7.58 24.58 24.55
C ASN B 206 6.20 25.06 24.98
N ASP B 207 5.56 25.89 24.17
CA ASP B 207 4.14 26.18 24.35
C ASP B 207 3.37 24.88 24.26
N GLU B 208 2.67 24.54 25.33
CA GLU B 208 2.04 23.23 25.41
C GLU B 208 0.86 23.11 24.45
N LYS B 209 0.08 24.19 24.28
CA LYS B 209 -1.04 24.12 23.34
C LYS B 209 -0.56 24.04 21.89
N ALA B 210 0.45 24.85 21.51
CA ALA B 210 0.99 24.73 20.17
C ALA B 210 1.63 23.36 19.94
N THR B 211 2.36 22.86 20.95
CA THR B 211 2.98 21.54 20.86
C THR B 211 1.96 20.45 20.61
N ALA B 212 0.84 20.48 21.32
CA ALA B 212 -0.19 19.47 21.12
C ALA B 212 -0.68 19.49 19.68
N LEU B 213 -0.79 20.67 19.08
CA LEU B 213 -1.26 20.77 17.70
C LEU B 213 -0.24 20.19 16.73
N ILE B 214 1.05 20.46 16.95
CA ILE B 214 2.08 19.93 16.05
C ILE B 214 2.20 18.42 16.24
N GLN B 215 2.05 17.95 17.48
CA GLN B 215 2.08 16.53 17.76
C GLN B 215 0.94 15.79 17.08
N ARG B 216 -0.26 16.41 17.06
CA ARG B 216 -1.38 15.79 16.34
C ARG B 216 -1.01 15.47 14.90
N SER B 217 -0.34 16.42 14.23
CA SER B 217 0.12 16.19 12.85
C SER B 217 1.24 15.16 12.79
N ALA B 218 2.28 15.30 13.61
CA ALA B 218 3.42 14.39 13.52
C ALA B 218 3.00 12.96 13.84
N SER B 219 2.11 12.79 14.81
CA SER B 219 1.65 11.44 15.15
C SER B 219 0.91 10.78 13.99
N ALA B 220 0.12 11.56 13.25
CA ALA B 220 -0.60 11.00 12.12
C ALA B 220 0.35 10.55 11.03
N ILE B 221 1.38 11.34 10.75
CA ILE B 221 2.39 10.95 9.77
C ILE B 221 3.15 9.71 10.23
N ALA B 222 3.50 9.63 11.53
CA ALA B 222 4.18 8.44 12.04
C ALA B 222 3.31 7.19 11.86
N ASN B 223 2.00 7.29 12.13
CA ASN B 223 1.13 6.11 11.97
C ASN B 223 0.97 5.73 10.50
N LEU B 224 0.96 6.71 9.60
CA LEU B 224 0.98 6.42 8.18
C LEU B 224 2.25 5.69 7.76
N ILE B 225 3.41 6.15 8.24
CA ILE B 225 4.66 5.46 7.92
C ILE B 225 4.59 4.01 8.42
N ALA B 226 4.11 3.81 9.65
CA ALA B 226 4.00 2.45 10.16
C ALA B 226 3.10 1.59 9.27
N ASP B 227 1.99 2.17 8.78
CA ASP B 227 1.12 1.42 7.87
C ASP B 227 1.85 0.99 6.61
N LEU B 228 2.71 1.88 6.07
CA LEU B 228 3.42 1.58 4.84
C LEU B 228 4.49 0.50 5.05
N VAL B 229 5.20 0.60 6.17
CA VAL B 229 6.21 -0.39 6.51
C VAL B 229 5.57 -1.78 6.66
N ILE B 230 4.53 -1.88 7.48
CA ILE B 230 3.93 -3.20 7.74
C ILE B 230 3.07 -3.66 6.56
N GLY B 231 2.40 -2.74 5.86
CA GLY B 231 1.55 -3.11 4.74
C GLY B 231 2.29 -3.43 3.46
N LEU B 232 3.42 -2.77 3.19
CA LEU B 232 4.07 -2.86 1.89
C LEU B 232 5.54 -3.25 1.99
N ASP B 233 6.08 -3.41 3.19
CA ASP B 233 7.50 -3.71 3.35
C ASP B 233 8.33 -2.53 2.84
N VAL B 234 7.86 -1.31 3.10
CA VAL B 234 8.63 -0.12 2.74
C VAL B 234 9.88 -0.05 3.60
N GLN B 235 11.01 0.25 2.97
CA GLN B 235 12.30 0.33 3.64
C GLN B 235 12.75 1.75 3.96
N LYS B 236 12.26 2.75 3.24
CA LYS B 236 12.71 4.13 3.46
C LYS B 236 11.59 5.08 3.10
N VAL B 237 11.44 6.13 3.93
CA VAL B 237 10.47 7.19 3.73
C VAL B 237 11.20 8.52 3.77
N VAL B 238 10.98 9.36 2.77
CA VAL B 238 11.58 10.68 2.69
C VAL B 238 10.45 11.70 2.80
N VAL B 239 10.61 12.66 3.69
CA VAL B 239 9.55 13.62 4.02
C VAL B 239 9.99 15.01 3.56
N GLY B 240 9.14 15.66 2.77
CA GLY B 240 9.38 17.03 2.32
C GLY B 240 8.20 17.94 2.63
N GLY B 241 8.12 19.07 1.92
CA GLY B 241 7.06 20.03 2.16
C GLY B 241 7.38 20.98 3.30
N SER B 242 6.72 22.14 3.27
CA SER B 242 7.07 23.19 4.23
C SER B 242 6.78 22.78 5.66
N VAL B 243 5.71 22.02 5.92
CA VAL B 243 5.51 21.47 7.25
C VAL B 243 6.49 20.34 7.51
N GLY B 244 6.63 19.40 6.56
CA GLY B 244 7.52 18.27 6.79
C GLY B 244 8.95 18.66 7.11
N LEU B 245 9.44 19.76 6.52
CA LEU B 245 10.81 20.21 6.70
C LEU B 245 10.95 21.24 7.83
N ALA B 246 9.86 21.63 8.49
CA ALA B 246 9.96 22.60 9.58
C ALA B 246 10.86 22.07 10.69
N GLU B 247 11.71 22.94 11.24
CA GLU B 247 12.61 22.52 12.30
C GLU B 247 11.84 21.88 13.45
N GLY B 248 12.30 20.70 13.86
CA GLY B 248 11.68 19.96 14.95
C GLY B 248 10.60 18.97 14.54
N TYR B 249 10.05 19.10 13.33
CA TYR B 249 8.90 18.30 12.96
C TYR B 249 9.28 16.83 12.75
N LEU B 250 10.26 16.57 11.88
CA LEU B 250 10.61 15.18 11.56
C LEU B 250 11.15 14.43 12.77
N PRO B 251 11.98 15.06 13.60
CA PRO B 251 12.34 14.44 14.88
C PRO B 251 11.14 14.00 15.71
N LEU B 252 10.07 14.80 15.74
CA LEU B 252 8.86 14.37 16.44
C LEU B 252 8.19 13.19 15.73
N VAL B 253 8.16 13.21 14.39
CA VAL B 253 7.63 12.07 13.65
C VAL B 253 8.37 10.80 14.05
N LYS B 254 9.70 10.88 14.11
CA LYS B 254 10.51 9.71 14.37
C LYS B 254 10.39 9.24 15.81
N GLN B 255 10.17 10.16 16.75
CA GLN B 255 9.93 9.76 18.13
C GLN B 255 8.65 8.94 18.26
N TYR B 256 7.56 9.37 17.59
CA TYR B 256 6.33 8.57 17.62
C TYR B 256 6.52 7.22 16.95
N LEU B 257 7.22 7.19 15.80
CA LEU B 257 7.42 5.90 15.14
C LEU B 257 8.25 4.97 16.02
N ASN B 258 9.24 5.51 16.71
CA ASN B 258 10.17 4.65 17.44
C ASN B 258 9.57 4.02 18.67
N THR B 259 8.47 4.57 19.19
CA THR B 259 7.82 3.95 20.35
C THR B 259 6.89 2.82 19.95
N MET B 260 6.70 2.60 18.66
CA MET B 260 5.99 1.42 18.18
C MET B 260 6.92 0.23 18.15
N PRO B 261 6.37 -0.98 18.08
CA PRO B 261 7.22 -2.17 17.97
C PRO B 261 8.20 -2.02 16.82
N HIS B 262 9.39 -2.60 17.01
CA HIS B 262 10.50 -2.35 16.09
C HIS B 262 10.18 -2.78 14.67
N PHE B 263 9.24 -3.70 14.45
CA PHE B 263 9.01 -4.09 13.06
C PHE B 263 8.14 -3.07 12.29
N TYR B 264 7.78 -1.94 12.90
CA TYR B 264 7.21 -0.82 12.14
C TYR B 264 8.26 0.21 11.74
N HIS B 265 9.50 0.04 12.19
CA HIS B 265 10.56 1.01 11.95
C HIS B 265 11.08 0.91 10.53
N CYS B 266 11.54 2.05 10.01
CA CYS B 266 12.31 2.09 8.76
C CYS B 266 13.13 3.38 8.77
N THR B 267 14.00 3.53 7.78
CA THR B 267 14.72 4.78 7.61
C THR B 267 13.76 5.91 7.28
N VAL B 268 13.84 7.00 8.05
CA VAL B 268 13.02 8.20 7.84
C VAL B 268 13.98 9.40 7.76
N GLU B 269 13.94 10.13 6.63
CA GLU B 269 14.85 11.25 6.40
C GLU B 269 14.13 12.41 5.73
N GLN B 270 14.72 13.60 5.83
CA GLN B 270 14.15 14.76 5.18
C GLN B 270 14.52 14.75 3.69
N ALA B 271 13.62 15.31 2.88
CA ALA B 271 13.90 15.51 1.48
C ALA B 271 15.14 16.38 1.31
N ARG B 272 15.94 16.06 0.29
CA ARG B 272 17.18 16.79 0.05
C ARG B 272 17.37 17.15 -1.42
N HIS B 273 16.38 16.85 -2.27
CA HIS B 273 16.44 17.10 -3.70
C HIS B 273 15.23 17.89 -4.15
N GLY B 274 14.75 18.80 -3.30
CA GLY B 274 13.58 19.59 -3.65
C GLY B 274 13.82 20.52 -4.82
N GLN B 275 15.07 20.95 -5.03
CA GLN B 275 15.39 21.92 -6.08
C GLN B 275 15.20 21.31 -7.45
N ASP B 276 14.23 21.82 -8.21
CA ASP B 276 13.92 21.28 -9.54
C ASP B 276 13.47 19.82 -9.47
N ALA B 277 12.82 19.43 -8.37
CA ALA B 277 12.48 18.01 -8.18
C ALA B 277 11.52 17.53 -9.26
N GLY B 278 10.56 18.37 -9.66
CA GLY B 278 9.64 17.98 -10.70
C GLY B 278 10.35 17.67 -12.01
N LEU B 279 11.17 18.61 -12.48
CA LEU B 279 11.88 18.41 -13.74
C LEU B 279 12.80 17.21 -13.68
N LEU B 280 13.70 17.18 -12.68
CA LEU B 280 14.68 16.10 -12.61
C LEU B 280 14.01 14.75 -12.37
N GLY B 281 12.97 14.72 -11.54
CA GLY B 281 12.28 13.46 -11.26
C GLY B 281 11.54 12.93 -12.47
N ALA B 282 10.84 13.81 -13.20
CA ALA B 282 10.15 13.36 -14.40
C ALA B 282 11.14 12.84 -15.44
N ALA B 283 12.25 13.57 -15.65
CA ALA B 283 13.22 13.13 -16.64
C ALA B 283 13.78 11.76 -16.29
N TRP B 284 14.12 11.56 -15.01
CA TRP B 284 14.68 10.27 -14.59
C TRP B 284 13.66 9.15 -14.76
N TRP B 285 12.39 9.39 -14.38
CA TRP B 285 11.41 8.31 -14.44
C TRP B 285 11.12 7.90 -15.87
N VAL B 286 10.92 8.87 -16.77
CA VAL B 286 10.61 8.53 -18.15
C VAL B 286 11.79 7.83 -18.80
N ALA B 287 13.03 8.26 -18.50
CA ALA B 287 14.20 7.56 -19.03
C ALA B 287 14.27 6.13 -18.50
N ASP B 288 13.94 5.93 -17.23
CA ASP B 288 13.93 4.61 -16.63
C ASP B 288 12.90 3.71 -17.28
N CYS B 289 11.70 4.23 -17.54
CA CYS B 289 10.69 3.48 -18.28
C CYS B 289 11.23 3.01 -19.63
N LEU B 290 11.80 3.94 -20.40
CA LEU B 290 12.44 3.57 -21.66
C LEU B 290 13.50 2.48 -21.46
N LYS B 291 13.98 2.32 -20.23
CA LYS B 291 14.78 1.19 -19.78
C LYS B 291 16.25 1.45 -20.02
PG ANP C . -8.22 -19.23 10.91
O1G ANP C . -7.11 -19.91 11.68
O2G ANP C . -8.01 -19.44 9.42
O3G ANP C . -8.21 -17.76 11.24
PB ANP C . -9.77 -21.44 12.11
O1B ANP C . -8.48 -21.73 12.84
O2B ANP C . -10.04 -22.47 11.03
N3B ANP C . -9.72 -19.91 11.37
PA ANP C . -12.52 -21.11 12.68
O1A ANP C . -13.47 -22.22 13.11
O2A ANP C . -12.47 -20.98 11.17
O3A ANP C . -11.00 -21.44 13.20
O5' ANP C . -13.07 -19.69 13.32
C5' ANP C . -12.11 -18.68 13.37
C4' ANP C . -12.68 -17.36 13.93
O4' ANP C . -13.84 -17.02 13.40
C3' ANP C . -13.02 -17.43 15.42
O3' ANP C . -13.02 -16.16 15.90
C2' ANP C . -14.46 -18.00 15.44
O2' ANP C . -15.10 -17.63 16.73
C1' ANP C . -15.05 -17.36 14.47
N9 ANP C . -16.08 -18.06 13.75
C8 ANP C . -16.13 -19.37 13.49
N7 ANP C . -17.24 -19.62 12.79
C5 ANP C . -17.90 -18.47 12.63
C6 ANP C . -19.08 -18.18 11.99
N6 ANP C . -20.04 -19.01 11.30
N1 ANP C . -19.53 -16.94 11.96
C2 ANP C . -18.80 -15.95 12.56
N3 ANP C . -17.64 -16.24 13.18
C4 ANP C . -17.18 -17.51 13.21
HNB1 ANP C . -10.45 -19.47 11.22
H5'1 ANP C . -11.77 -18.52 12.48
H5'2 ANP C . -11.38 -18.97 13.94
H4' ANP C . -12.00 -16.70 13.73
H3' ANP C . -12.43 -18.00 15.93
HO3' ANP C . -13.61 -15.70 15.48
H2' ANP C . -14.47 -18.96 15.30
HO2' ANP C . -15.16 -18.32 17.22
H1' ANP C . -15.46 -16.58 14.88
H8 ANP C . -15.49 -20.00 13.74
HN61 ANP C . -20.52 -18.68 10.67
HN62 ANP C . -20.11 -19.84 11.50
H2 ANP C . -19.20 -15.12 12.48
CA CA D . -11.97 12.95 1.09
CA CA E . 1.31 -5.26 16.43
PG ANP F . 2.63 23.72 -1.52
O1G ANP F . 2.90 23.19 -2.92
O2G ANP F . 1.70 22.77 -0.78
O3G ANP F . 3.95 23.87 -0.78
PB ANP F . 2.86 26.63 -1.37
O1B ANP F . 2.49 27.68 -2.41
O2B ANP F . 4.32 26.22 -1.54
N3B ANP F . 1.89 25.25 -1.60
PA ANP F . 3.84 27.18 1.31
O1A ANP F . 4.29 28.60 1.63
O2A ANP F . 5.00 26.37 0.80
O3A ANP F . 2.65 27.23 0.15
O5' ANP F . 3.23 26.49 2.67
C5' ANP F . 2.25 25.49 2.58
C4' ANP F . 1.79 25.07 3.99
O4' ANP F . 2.81 24.98 4.81
C3' ANP F . 0.87 26.13 4.62
O3' ANP F . 0.02 25.53 5.48
C2' ANP F . 1.86 27.05 5.37
O2' ANP F . 1.14 27.79 6.44
C1' ANP F . 2.71 26.19 5.89
N9 ANP F . 4.03 26.75 6.07
C8 ANP F . 4.62 27.63 5.25
N7 ANP F . 5.84 27.89 5.73
C5 ANP F . 6.01 27.18 6.85
C6 ANP F . 7.07 27.09 7.73
N6 ANP F . 8.37 27.70 7.77
N1 ANP F . 6.99 26.29 8.78
C2 ANP F . 5.85 25.57 8.99
N3 ANP F . 4.82 25.66 8.13
C4 ANP F . 4.89 26.47 7.06
#